data_4HZ4
#
_entry.id   4HZ4
#
_cell.length_a   54.406
_cell.length_b   54.406
_cell.length_c   150.757
_cell.angle_alpha   90.00
_cell.angle_beta   90.00
_cell.angle_gamma   90.00
#
_symmetry.space_group_name_H-M   'P 41 21 2'
#
loop_
_entity.id
_entity.type
_entity.pdbx_description
1 polymer Glutathione-S-transferase
2 non-polymer GLYCEROL
3 water water
#
_entity_poly.entity_id   1
_entity_poly.type   'polypeptide(L)'
_entity_poly.pdbx_seq_one_letter_code
;MVMITLHYLKQSCSHRIVWLLEALGLDYELKIYDRLEGTGFAPEELKAQHPLGKAPVLQDGDLVLAEGNAIIQHLLDRYD
TENRFTPAHKTDAYSNYVYWLAISASMFSANLLALVSKKGDLGDFAQYTNAQVGLYFSHVEKSLEGKTWIVGEQLTGADF
ALSFPLQWGLNYVNKADYPNITRYLEQIETHPAYLKANEKTDGGLDLSRFAENLYFQ
;
_entity_poly.pdbx_strand_id   A
#
loop_
_chem_comp.id
_chem_comp.type
_chem_comp.name
_chem_comp.formula
GOL non-polymer GLYCEROL 'C3 H8 O3'
#
# COMPACT_ATOMS: atom_id res chain seq x y z
N MET A 3 -7.21 22.46 -2.34
CA MET A 3 -7.56 22.03 -0.95
C MET A 3 -6.75 20.83 -0.49
N ILE A 4 -6.49 19.88 -1.40
CA ILE A 4 -5.74 18.67 -1.03
C ILE A 4 -4.37 18.66 -1.66
N THR A 5 -3.35 18.39 -0.86
CA THR A 5 -2.00 18.22 -1.38
C THR A 5 -1.45 16.89 -0.89
N LEU A 6 -0.91 16.11 -1.81
CA LEU A 6 -0.26 14.84 -1.45
C LEU A 6 1.23 14.97 -1.63
N HIS A 7 1.98 14.68 -0.56
CA HIS A 7 3.45 14.59 -0.65
C HIS A 7 3.79 13.12 -0.86
N TYR A 8 4.38 12.86 -2.02
CA TYR A 8 4.49 11.53 -2.60
C TYR A 8 5.96 11.16 -2.74
N LEU A 9 6.35 10.03 -2.16
CA LEU A 9 7.70 9.50 -2.35
C LEU A 9 7.71 8.44 -3.45
N LYS A 10 8.62 8.55 -4.41
CA LYS A 10 8.71 7.53 -5.45
C LYS A 10 9.02 6.16 -4.83
N GLN A 11 8.57 5.10 -5.51
CA GLN A 11 8.86 3.73 -5.06
C GLN A 11 8.44 3.50 -3.61
N SER A 12 7.17 3.80 -3.31
CA SER A 12 6.73 3.70 -1.93
C SER A 12 5.24 3.42 -1.81
N CYS A 13 4.82 3.37 -0.56
CA CYS A 13 3.41 3.19 -0.24
C CYS A 13 2.58 4.44 -0.56
N SER A 14 3.21 5.46 -1.14
CA SER A 14 2.46 6.65 -1.58
C SER A 14 1.61 6.34 -2.80
N HIS A 15 2.04 5.37 -3.60
CA HIS A 15 1.41 5.14 -4.90
C HIS A 15 -0.06 4.74 -4.77
N ARG A 16 -0.35 3.89 -3.79
CA ARG A 16 -1.74 3.44 -3.61
C ARG A 16 -2.67 4.60 -3.28
N ILE A 17 -2.11 5.66 -2.70
CA ILE A 17 -2.94 6.85 -2.36
C ILE A 17 -3.31 7.61 -3.64
N VAL A 18 -2.37 7.70 -4.57
CA VAL A 18 -2.68 8.31 -5.87
C VAL A 18 -3.72 7.44 -6.61
N TRP A 19 -3.56 6.12 -6.56
CA TRP A 19 -4.56 5.23 -7.15
C TRP A 19 -5.96 5.55 -6.58
N LEU A 20 -6.06 5.65 -5.25
CA LEU A 20 -7.35 5.99 -4.64
C LEU A 20 -7.86 7.40 -5.03
N LEU A 21 -7.00 8.41 -4.98
CA LEU A 21 -7.39 9.75 -5.41
C LEU A 21 -7.95 9.75 -6.84
N GLU A 22 -7.29 9.04 -7.75
CA GLU A 22 -7.78 8.93 -9.12
C GLU A 22 -9.11 8.17 -9.20
N ALA A 23 -9.23 7.10 -8.41
CA ALA A 23 -10.47 6.30 -8.39
C ALA A 23 -11.66 7.14 -7.89
N LEU A 24 -11.39 8.05 -6.96
CA LEU A 24 -12.42 8.95 -6.39
C LEU A 24 -12.69 10.14 -7.29
N GLY A 25 -11.83 10.36 -8.28
CA GLY A 25 -11.99 11.48 -9.22
C GLY A 25 -11.70 12.84 -8.62
N LEU A 26 -10.85 12.87 -7.60
CA LEU A 26 -10.56 14.10 -6.86
C LEU A 26 -9.51 14.96 -7.53
N ASP A 27 -9.66 16.27 -7.36
CA ASP A 27 -8.64 17.26 -7.73
CA ASP A 27 -8.62 17.22 -7.74
C ASP A 27 -7.68 17.38 -6.57
N TYR A 28 -6.37 17.42 -6.85
CA TYR A 28 -5.39 17.54 -5.78
C TYR A 28 -4.07 18.00 -6.35
N GLU A 29 -3.27 18.59 -5.50
CA GLU A 29 -1.93 18.95 -5.86
C GLU A 29 -0.99 17.80 -5.50
N LEU A 30 -0.09 17.46 -6.41
CA LEU A 30 0.81 16.36 -6.20
C LEU A 30 2.26 16.83 -6.17
N LYS A 31 2.93 16.60 -5.03
CA LYS A 31 4.34 16.96 -4.90
C LYS A 31 5.15 15.67 -4.84
N ILE A 32 6.06 15.51 -5.79
CA ILE A 32 6.79 14.27 -5.93
C ILE A 32 8.24 14.41 -5.48
N TYR A 33 8.68 13.46 -4.64
CA TYR A 33 10.03 13.46 -4.09
C TYR A 33 10.75 12.19 -4.48
N ASP A 34 12.04 12.29 -4.78
CA ASP A 34 12.85 11.12 -5.07
C ASP A 34 13.48 10.61 -3.76
N ARG A 35 13.63 9.30 -3.64
CA ARG A 35 14.39 8.71 -2.54
C ARG A 35 15.86 9.07 -2.66
N LEU A 36 16.52 9.22 -1.52
CA LEU A 36 17.97 9.47 -1.51
C LEU A 36 18.74 8.25 -1.99
N GLU A 37 19.87 8.49 -2.65
CA GLU A 37 20.61 7.40 -3.22
C GLU A 37 21.23 6.53 -2.14
N GLY A 38 21.41 5.25 -2.47
CA GLY A 38 22.04 4.28 -1.58
C GLY A 38 21.12 3.80 -0.47
N THR A 39 20.74 4.73 0.41
CA THR A 39 19.94 4.38 1.58
C THR A 39 18.47 4.22 1.21
N GLY A 40 18.02 4.95 0.19
CA GLY A 40 16.60 4.99 -0.16
C GLY A 40 15.79 5.92 0.74
N PHE A 41 16.44 6.66 1.62
CA PHE A 41 15.70 7.45 2.63
C PHE A 41 14.92 8.63 2.02
N ALA A 42 13.85 9.04 2.70
CA ALA A 42 13.13 10.24 2.28
C ALA A 42 14.10 11.41 2.40
N PRO A 43 14.03 12.35 1.45
CA PRO A 43 14.87 13.55 1.48
C PRO A 43 14.36 14.52 2.54
N GLU A 44 15.23 15.42 2.98
CA GLU A 44 14.89 16.31 4.10
C GLU A 44 13.65 17.18 3.81
N GLU A 45 13.45 17.56 2.55
CA GLU A 45 12.29 18.38 2.19
C GLU A 45 10.96 17.66 2.42
N LEU A 46 10.96 16.34 2.26
CA LEU A 46 9.77 15.57 2.52
C LEU A 46 9.65 15.32 4.01
N LYS A 47 10.79 15.04 4.65
CA LYS A 47 10.74 14.75 6.08
C LYS A 47 10.17 15.92 6.86
N ALA A 48 10.39 17.13 6.33
CA ALA A 48 9.90 18.34 6.97
C ALA A 48 8.38 18.48 6.99
N GLN A 49 7.68 17.63 6.25
CA GLN A 49 6.24 17.81 6.09
C GLN A 49 5.43 17.25 7.25
N HIS A 50 6.06 16.45 8.11
CA HIS A 50 5.33 15.73 9.16
C HIS A 50 6.31 15.29 10.25
N PRO A 51 5.87 15.28 11.52
CA PRO A 51 6.75 14.93 12.64
C PRO A 51 7.39 13.54 12.54
N LEU A 52 6.77 12.62 11.80
CA LEU A 52 7.35 11.27 11.69
C LEU A 52 8.34 11.18 10.54
N GLY A 53 8.30 12.18 9.66
CA GLY A 53 9.28 12.26 8.58
C GLY A 53 9.11 11.24 7.45
N LYS A 54 7.92 10.68 7.32
CA LYS A 54 7.66 9.66 6.30
C LYS A 54 6.57 10.08 5.34
N ALA A 55 6.59 9.49 4.15
CA ALA A 55 5.55 9.67 3.15
C ALA A 55 4.67 8.42 3.18
N PRO A 56 3.40 8.56 2.75
CA PRO A 56 2.79 9.76 2.20
C PRO A 56 2.33 10.74 3.29
N VAL A 57 2.24 12.01 2.93
CA VAL A 57 1.63 13.00 3.79
C VAL A 57 0.55 13.71 3.00
N LEU A 58 -0.66 13.76 3.57
CA LEU A 58 -1.78 14.40 2.89
C LEU A 58 -2.18 15.64 3.65
N GLN A 59 -2.18 16.80 2.98
CA GLN A 59 -2.75 17.99 3.59
C GLN A 59 -4.16 18.13 3.06
N ASP A 60 -5.10 18.40 3.94
CA ASP A 60 -6.47 18.62 3.53
C ASP A 60 -6.98 19.75 4.39
N GLY A 61 -7.08 20.94 3.81
CA GLY A 61 -7.42 22.10 4.63
C GLY A 61 -6.33 22.30 5.66
N ASP A 62 -6.71 22.39 6.93
CA ASP A 62 -5.73 22.61 7.99
C ASP A 62 -5.18 21.30 8.57
N LEU A 63 -5.67 20.17 8.05
CA LEU A 63 -5.26 18.87 8.53
C LEU A 63 -4.00 18.39 7.80
N VAL A 64 -3.06 17.81 8.54
CA VAL A 64 -1.89 17.20 7.93
C VAL A 64 -1.83 15.74 8.41
N LEU A 65 -2.19 14.82 7.52
CA LEU A 65 -2.22 13.40 7.85
C LEU A 65 -1.05 12.62 7.30
N ALA A 66 -0.63 11.60 8.04
CA ALA A 66 0.27 10.58 7.52
C ALA A 66 -0.45 9.24 7.74
N GLU A 67 0.22 8.14 7.36
CA GLU A 67 -0.29 6.78 7.49
C GLU A 67 -1.25 6.43 6.37
N GLY A 68 -0.85 5.47 5.53
CA GLY A 68 -1.69 5.03 4.42
C GLY A 68 -3.13 4.70 4.82
N ASN A 69 -3.30 3.87 5.87
CA ASN A 69 -4.66 3.50 6.25
C ASN A 69 -5.49 4.68 6.71
N ALA A 70 -4.83 5.61 7.42
CA ALA A 70 -5.52 6.80 7.90
C ALA A 70 -5.96 7.66 6.72
N ILE A 71 -5.05 7.85 5.76
CA ILE A 71 -5.38 8.66 4.60
C ILE A 71 -6.50 8.01 3.80
N ILE A 72 -6.43 6.69 3.62
CA ILE A 72 -7.49 5.98 2.94
C ILE A 72 -8.84 6.21 3.61
N GLN A 73 -8.88 6.02 4.92
CA GLN A 73 -10.14 6.14 5.63
C GLN A 73 -10.66 7.57 5.67
N HIS A 74 -9.74 8.52 5.76
CA HIS A 74 -10.09 9.94 5.69
C HIS A 74 -10.71 10.26 4.31
N LEU A 75 -10.02 9.86 3.24
CA LEU A 75 -10.54 10.16 1.89
C LEU A 75 -11.91 9.54 1.66
N LEU A 76 -12.10 8.30 2.09
CA LEU A 76 -13.40 7.64 1.92
C LEU A 76 -14.47 8.32 2.75
N ASP A 77 -14.10 8.72 3.97
CA ASP A 77 -15.08 9.34 4.87
C ASP A 77 -15.60 10.65 4.30
N ARG A 78 -14.69 11.46 3.75
CA ARG A 78 -15.11 12.78 3.25
C ARG A 78 -15.59 12.82 1.82
N TYR A 79 -14.99 11.97 0.97
CA TYR A 79 -15.17 12.12 -0.47
C TYR A 79 -15.83 10.95 -1.20
N ASP A 80 -16.04 9.83 -0.52
CA ASP A 80 -16.72 8.71 -1.14
C ASP A 80 -18.15 8.69 -0.64
N THR A 81 -18.88 9.74 -0.97
CA THR A 81 -20.26 9.89 -0.49
C THR A 81 -21.22 8.81 -1.00
N GLU A 82 -20.90 8.19 -2.13
CA GLU A 82 -21.69 7.07 -2.65
C GLU A 82 -21.34 5.76 -1.99
N ASN A 83 -20.29 5.77 -1.17
CA ASN A 83 -19.78 4.55 -0.58
C ASN A 83 -19.46 3.50 -1.63
N ARG A 84 -18.84 3.95 -2.71
CA ARG A 84 -18.34 3.03 -3.73
C ARG A 84 -17.30 2.05 -3.17
N PHE A 85 -16.55 2.50 -2.17
CA PHE A 85 -15.37 1.75 -1.72
C PHE A 85 -15.42 1.29 -0.27
N THR A 86 -16.61 1.37 0.34
CA THR A 86 -16.82 0.81 1.69
C THR A 86 -18.07 -0.06 1.63
N PRO A 87 -18.02 -1.26 2.24
CA PRO A 87 -19.23 -2.08 2.32
C PRO A 87 -20.30 -1.44 3.21
N ALA A 88 -21.52 -1.94 3.11
CA ALA A 88 -22.58 -1.53 4.03
C ALA A 88 -22.14 -1.82 5.47
N HIS A 89 -22.45 -0.90 6.37
CA HIS A 89 -22.12 -1.10 7.78
C HIS A 89 -22.89 -2.24 8.43
N LYS A 90 -22.33 -2.75 9.52
CA LYS A 90 -22.94 -3.84 10.31
C LYS A 90 -23.16 -5.08 9.46
N THR A 91 -22.19 -5.39 8.61
CA THR A 91 -22.20 -6.61 7.83
C THR A 91 -20.85 -7.29 7.98
N ASP A 92 -20.79 -8.58 7.68
CA ASP A 92 -19.51 -9.27 7.68
C ASP A 92 -18.56 -8.62 6.65
N ALA A 93 -19.11 -8.15 5.52
CA ALA A 93 -18.25 -7.48 4.53
C ALA A 93 -17.58 -6.25 5.12
N TYR A 94 -18.32 -5.47 5.90
CA TYR A 94 -17.73 -4.27 6.49
C TYR A 94 -16.63 -4.66 7.47
N SER A 95 -16.93 -5.66 8.30
CA SER A 95 -15.94 -6.11 9.28
C SER A 95 -14.69 -6.66 8.58
N ASN A 96 -14.88 -7.40 7.49
CA ASN A 96 -13.73 -7.90 6.73
C ASN A 96 -12.96 -6.78 6.05
N TYR A 97 -13.67 -5.73 5.64
CA TYR A 97 -13.01 -4.55 5.07
C TYR A 97 -12.02 -3.93 6.08
N VAL A 98 -12.47 -3.67 7.32
CA VAL A 98 -11.52 -3.08 8.29
C VAL A 98 -10.46 -4.10 8.69
N TYR A 99 -10.81 -5.38 8.66
CA TYR A 99 -9.83 -6.45 8.87
C TYR A 99 -8.68 -6.40 7.86
N TRP A 100 -9.01 -6.35 6.57
CA TRP A 100 -7.95 -6.34 5.56
C TRP A 100 -7.14 -5.05 5.56
N LEU A 101 -7.74 -3.93 5.96
CA LEU A 101 -6.95 -2.73 6.22
C LEU A 101 -5.87 -3.03 7.27
N ALA A 102 -6.28 -3.65 8.38
CA ALA A 102 -5.33 -3.96 9.47
C ALA A 102 -4.26 -4.95 9.02
N ILE A 103 -4.69 -5.96 8.25
CA ILE A 103 -3.76 -6.94 7.72
C ILE A 103 -2.70 -6.29 6.84
N SER A 104 -3.12 -5.34 6.02
CA SER A 104 -2.18 -4.66 5.14
CA SER A 104 -2.17 -4.68 5.13
CA SER A 104 -2.18 -4.66 5.14
C SER A 104 -1.01 -4.07 5.91
N ALA A 105 -1.31 -3.45 7.05
CA ALA A 105 -0.29 -2.83 7.87
C ALA A 105 0.61 -3.89 8.53
N SER A 106 -0.02 -4.95 9.01
CA SER A 106 0.73 -6.07 9.63
C SER A 106 1.65 -6.75 8.64
N MET A 107 1.19 -6.85 7.40
CA MET A 107 1.98 -7.51 6.37
CA MET A 107 1.99 -7.53 6.38
C MET A 107 3.24 -6.73 6.06
N PHE A 108 3.10 -5.42 5.99
CA PHE A 108 4.25 -4.59 5.73
C PHE A 108 5.27 -4.75 6.86
N SER A 109 4.79 -4.72 8.10
CA SER A 109 5.64 -4.94 9.25
C SER A 109 6.35 -6.30 9.13
N ALA A 110 5.60 -7.33 8.77
CA ALA A 110 6.22 -8.66 8.59
C ALA A 110 7.31 -8.64 7.52
N ASN A 111 7.04 -7.98 6.39
CA ASN A 111 8.02 -7.86 5.29
C ASN A 111 9.31 -7.31 5.89
N LEU A 112 9.15 -6.13 6.49
CA LEU A 112 10.24 -5.40 7.13
C LEU A 112 11.05 -6.25 8.11
N LEU A 113 10.35 -6.92 9.02
CA LEU A 113 11.01 -7.63 10.13
C LEU A 113 11.84 -8.82 9.68
N ALA A 114 11.34 -9.56 8.71
CA ALA A 114 12.06 -10.76 8.28
C ALA A 114 13.35 -10.37 7.56
N LEU A 115 13.22 -9.32 6.74
CA LEU A 115 14.30 -8.70 6.01
C LEU A 115 15.45 -8.25 6.92
N VAL A 116 15.09 -7.56 7.99
CA VAL A 116 16.05 -7.06 8.98
C VAL A 116 16.69 -8.21 9.74
N SER A 117 15.90 -9.23 10.08
CA SER A 117 16.40 -10.41 10.80
C SER A 117 17.42 -11.16 9.94
N LYS A 118 17.21 -11.16 8.64
CA LYS A 118 18.17 -11.78 7.71
C LYS A 118 19.45 -10.96 7.64
N LYS A 119 19.31 -9.66 7.33
CA LYS A 119 20.45 -8.74 7.25
C LYS A 119 21.41 -8.90 8.42
N GLY A 120 20.95 -8.54 9.61
CA GLY A 120 21.69 -8.82 10.82
C GLY A 120 21.68 -10.32 10.94
N ASP A 121 22.33 -10.87 11.96
CA ASP A 121 22.26 -12.31 12.12
C ASP A 121 21.53 -12.67 13.39
N LEU A 122 20.43 -13.38 13.20
CA LEU A 122 19.48 -13.63 14.26
C LEU A 122 19.26 -15.12 14.43
N GLY A 123 19.79 -15.90 13.48
CA GLY A 123 19.73 -17.35 13.52
C GLY A 123 18.33 -17.92 13.38
N ASP A 124 17.88 -18.63 14.41
CA ASP A 124 16.56 -19.25 14.37
C ASP A 124 15.44 -18.23 14.30
N PHE A 125 15.65 -17.10 14.94
CA PHE A 125 14.66 -16.03 14.90
C PHE A 125 14.42 -15.57 13.47
N ALA A 126 15.48 -15.60 12.65
CA ALA A 126 15.34 -15.20 11.24
C ALA A 126 14.35 -16.13 10.51
N GLN A 127 14.38 -17.41 10.85
CA GLN A 127 13.45 -18.33 10.21
C GLN A 127 12.03 -18.12 10.74
N TYR A 128 11.94 -17.72 12.02
CA TYR A 128 10.63 -17.46 12.61
C TYR A 128 9.97 -16.29 11.91
N THR A 129 10.73 -15.23 11.66
CA THR A 129 10.16 -14.05 11.00
C THR A 129 9.85 -14.29 9.51
N ASN A 130 10.70 -15.07 8.85
CA ASN A 130 10.45 -15.41 7.47
C ASN A 130 9.17 -16.23 7.36
N ALA A 131 8.93 -17.10 8.34
CA ALA A 131 7.72 -17.92 8.30
C ALA A 131 6.46 -17.05 8.43
N GLN A 132 6.58 -15.93 9.14
CA GLN A 132 5.45 -15.01 9.30
C GLN A 132 5.00 -14.40 7.98
N VAL A 133 5.96 -13.98 7.16
CA VAL A 133 5.64 -13.48 5.83
C VAL A 133 4.90 -14.56 5.03
N GLY A 134 5.41 -15.80 5.08
CA GLY A 134 4.71 -16.92 4.47
C GLY A 134 3.28 -17.06 4.96
N LEU A 135 3.05 -16.88 6.27
CA LEU A 135 1.70 -17.04 6.82
C LEU A 135 0.75 -15.96 6.29
N TYR A 136 1.23 -14.72 6.22
CA TYR A 136 0.40 -13.65 5.67
C TYR A 136 0.10 -13.87 4.20
N PHE A 137 1.11 -14.24 3.42
CA PHE A 137 0.88 -14.50 1.99
C PHE A 137 -0.06 -15.68 1.78
N SER A 138 0.10 -16.74 2.57
CA SER A 138 -0.83 -17.86 2.48
C SER A 138 -2.26 -17.38 2.73
N HIS A 139 -2.42 -16.57 3.78
CA HIS A 139 -3.76 -16.14 4.19
C HIS A 139 -4.43 -15.27 3.11
N VAL A 140 -3.69 -14.35 2.51
CA VAL A 140 -4.28 -13.52 1.45
C VAL A 140 -4.59 -14.41 0.25
N GLU A 141 -3.64 -15.28 -0.11
CA GLU A 141 -3.82 -16.18 -1.24
C GLU A 141 -5.09 -17.03 -1.10
N LYS A 142 -5.27 -17.65 0.06
CA LYS A 142 -6.43 -18.48 0.31
C LYS A 142 -7.71 -17.63 0.33
N SER A 143 -7.61 -16.43 0.90
CA SER A 143 -8.77 -15.56 1.02
C SER A 143 -9.26 -14.99 -0.33
N LEU A 144 -8.37 -14.99 -1.32
CA LEU A 144 -8.74 -14.50 -2.65
C LEU A 144 -9.44 -15.57 -3.47
N GLU A 145 -9.43 -16.80 -2.98
CA GLU A 145 -10.04 -17.88 -3.71
C GLU A 145 -11.52 -17.60 -3.93
N GLY A 146 -11.97 -17.64 -5.18
CA GLY A 146 -13.37 -17.39 -5.48
C GLY A 146 -13.81 -15.93 -5.40
N LYS A 147 -12.86 -15.01 -5.27
CA LYS A 147 -13.19 -13.61 -5.10
C LYS A 147 -12.45 -12.68 -6.07
N THR A 148 -13.12 -11.65 -6.55
CA THR A 148 -12.45 -10.69 -7.40
C THR A 148 -11.54 -9.77 -6.59
N TRP A 149 -12.09 -9.17 -5.54
CA TRP A 149 -11.35 -8.26 -4.66
C TRP A 149 -11.30 -8.88 -3.26
N ILE A 150 -10.57 -8.26 -2.35
CA ILE A 150 -10.28 -8.97 -1.08
C ILE A 150 -11.53 -9.20 -0.21
N VAL A 151 -12.49 -8.28 -0.29
CA VAL A 151 -13.73 -8.45 0.47
C VAL A 151 -14.76 -9.28 -0.30
N GLY A 152 -14.60 -9.37 -1.62
CA GLY A 152 -15.55 -10.06 -2.49
C GLY A 152 -15.72 -9.34 -3.81
N GLU A 153 -16.95 -9.14 -4.23
CA GLU A 153 -17.18 -8.51 -5.52
C GLU A 153 -16.87 -7.03 -5.51
N GLN A 154 -16.90 -6.41 -4.35
CA GLN A 154 -16.75 -4.96 -4.25
C GLN A 154 -15.28 -4.56 -4.07
N LEU A 155 -14.79 -3.69 -4.94
CA LEU A 155 -13.51 -3.03 -4.75
C LEU A 155 -13.66 -2.08 -3.56
N THR A 156 -12.77 -2.21 -2.58
CA THR A 156 -12.87 -1.38 -1.37
C THR A 156 -11.53 -0.73 -1.03
N GLY A 157 -11.58 0.15 -0.03
CA GLY A 157 -10.36 0.75 0.51
C GLY A 157 -9.31 -0.28 0.87
N ALA A 158 -9.73 -1.49 1.23
CA ALA A 158 -8.76 -2.54 1.61
C ALA A 158 -7.86 -2.98 0.45
N ASP A 159 -8.38 -2.97 -0.78
CA ASP A 159 -7.57 -3.34 -1.95
C ASP A 159 -6.51 -2.28 -2.22
N PHE A 160 -6.89 -1.02 -2.06
CA PHE A 160 -5.91 0.06 -2.19
C PHE A 160 -4.80 -0.15 -1.17
N ALA A 161 -5.18 -0.41 0.08
CA ALA A 161 -4.19 -0.63 1.12
C ALA A 161 -3.28 -1.84 0.84
N LEU A 162 -3.87 -2.97 0.49
CA LEU A 162 -3.14 -4.24 0.36
C LEU A 162 -2.18 -4.26 -0.82
N SER A 163 -2.47 -3.47 -1.84
CA SER A 163 -1.69 -3.50 -3.06
C SER A 163 -0.19 -3.44 -2.75
N PHE A 164 0.19 -2.47 -1.94
CA PHE A 164 1.62 -2.21 -1.73
C PHE A 164 2.37 -3.31 -0.96
N PRO A 165 1.86 -3.74 0.21
CA PRO A 165 2.64 -4.80 0.87
C PRO A 165 2.70 -6.10 0.05
N LEU A 166 1.69 -6.37 -0.78
CA LEU A 166 1.77 -7.55 -1.64
C LEU A 166 2.84 -7.34 -2.71
N GLN A 167 2.84 -6.17 -3.33
CA GLN A 167 3.84 -5.87 -4.38
C GLN A 167 5.25 -5.98 -3.82
N TRP A 168 5.45 -5.39 -2.64
CA TRP A 168 6.75 -5.41 -1.97
C TRP A 168 7.12 -6.81 -1.50
N GLY A 169 6.17 -7.50 -0.88
CA GLY A 169 6.41 -8.78 -0.24
C GLY A 169 6.76 -9.87 -1.21
N LEU A 170 6.28 -9.77 -2.44
CA LEU A 170 6.55 -10.79 -3.45
C LEU A 170 8.04 -10.94 -3.70
N ASN A 171 8.80 -9.93 -3.29
CA ASN A 171 10.24 -9.96 -3.47
C ASN A 171 10.94 -10.87 -2.47
N TYR A 172 10.23 -11.23 -1.40
CA TYR A 172 10.75 -12.09 -0.33
C TYR A 172 10.14 -13.47 -0.29
N VAL A 173 9.18 -13.73 -1.16
CA VAL A 173 8.62 -15.06 -1.27
C VAL A 173 8.74 -15.50 -2.72
N ASN A 174 8.41 -16.74 -2.99
CA ASN A 174 8.41 -17.24 -4.35
C ASN A 174 7.06 -16.94 -5.02
N LYS A 175 7.05 -15.97 -5.93
CA LYS A 175 5.78 -15.52 -6.51
C LYS A 175 5.05 -16.66 -7.22
N ALA A 176 5.79 -17.65 -7.70
CA ALA A 176 5.14 -18.77 -8.39
C ALA A 176 4.20 -19.57 -7.50
N ASP A 177 4.38 -19.46 -6.17
CA ASP A 177 3.53 -20.19 -5.22
C ASP A 177 2.19 -19.48 -4.97
N TYR A 178 1.98 -18.29 -5.53
CA TYR A 178 0.79 -17.47 -5.18
C TYR A 178 0.01 -17.00 -6.40
N PRO A 179 -0.65 -17.93 -7.10
CA PRO A 179 -1.31 -17.57 -8.37
C PRO A 179 -2.50 -16.62 -8.18
N ASN A 180 -3.22 -16.72 -7.07
CA ASN A 180 -4.32 -15.80 -6.85
C ASN A 180 -3.82 -14.39 -6.65
N ILE A 181 -2.75 -14.26 -5.85
CA ILE A 181 -2.15 -12.96 -5.60
C ILE A 181 -1.62 -12.37 -6.89
N THR A 182 -1.04 -13.22 -7.74
CA THR A 182 -0.49 -12.75 -9.02
C THR A 182 -1.60 -12.20 -9.91
N ARG A 183 -2.72 -12.91 -9.92
CA ARG A 183 -3.89 -12.50 -10.69
C ARG A 183 -4.46 -11.17 -10.13
N TYR A 184 -4.57 -11.13 -8.81
CA TYR A 184 -5.07 -9.97 -8.11
C TYR A 184 -4.18 -8.74 -8.38
N LEU A 185 -2.87 -8.90 -8.31
CA LEU A 185 -1.97 -7.75 -8.58
C LEU A 185 -2.05 -7.30 -10.03
N GLU A 186 -2.25 -8.21 -10.97
CA GLU A 186 -2.39 -7.81 -12.36
C GLU A 186 -3.68 -7.00 -12.54
N GLN A 187 -4.71 -7.38 -11.82
CA GLN A 187 -6.00 -6.68 -11.84
C GLN A 187 -5.84 -5.26 -11.30
N ILE A 188 -5.06 -5.11 -10.23
CA ILE A 188 -4.77 -3.80 -9.65
C ILE A 188 -3.95 -2.96 -10.61
N GLU A 189 -2.88 -3.56 -11.16
CA GLU A 189 -1.90 -2.81 -11.93
C GLU A 189 -2.39 -2.40 -13.32
N THR A 190 -3.50 -2.99 -13.75
CA THR A 190 -4.16 -2.56 -14.98
C THR A 190 -5.50 -1.86 -14.70
N HIS A 191 -5.84 -1.65 -13.44
CA HIS A 191 -7.06 -0.92 -13.12
C HIS A 191 -6.95 0.48 -13.74
N PRO A 192 -8.02 0.97 -14.40
CA PRO A 192 -7.79 2.25 -15.12
C PRO A 192 -7.30 3.41 -14.23
N ALA A 193 -7.77 3.49 -12.99
CA ALA A 193 -7.34 4.56 -12.08
C ALA A 193 -5.89 4.37 -11.65
N TYR A 194 -5.43 3.11 -11.64
CA TYR A 194 -4.05 2.82 -11.31
C TYR A 194 -3.15 3.26 -12.47
N LEU A 195 -3.59 2.98 -13.69
CA LEU A 195 -2.87 3.46 -14.88
C LEU A 195 -2.82 5.00 -14.88
N LYS A 196 -3.89 5.66 -14.48
CA LYS A 196 -3.86 7.10 -14.35
C LYS A 196 -2.89 7.58 -13.30
N ALA A 197 -2.85 6.85 -12.20
CA ALA A 197 -1.87 7.13 -11.17
C ALA A 197 -0.44 7.05 -11.74
N ASN A 198 -0.17 6.01 -12.54
CA ASN A 198 1.15 5.88 -13.18
C ASN A 198 1.44 7.10 -14.06
N GLU A 199 0.45 7.54 -14.81
CA GLU A 199 0.67 8.69 -15.67
C GLU A 199 1.04 9.94 -14.90
N LYS A 200 0.38 10.17 -13.78
CA LYS A 200 0.58 11.38 -12.96
C LYS A 200 1.91 11.36 -12.22
N THR A 201 2.50 10.19 -12.06
CA THR A 201 3.70 10.06 -11.23
C THR A 201 4.91 9.66 -12.05
N ASP A 202 4.86 9.92 -13.35
CA ASP A 202 5.95 9.55 -14.23
C ASP A 202 6.32 8.08 -14.15
N GLY A 203 5.30 7.22 -14.18
N GLY A 203 5.30 7.21 -14.17
CA GLY A 203 5.49 5.82 -13.90
CA GLY A 203 5.54 5.79 -14.39
C GLY A 203 5.40 5.67 -12.39
C GLY A 203 4.95 4.86 -13.35
N GLY A 204 4.36 4.99 -11.94
N GLY A 204 4.76 5.37 -12.13
CA GLY A 204 4.17 4.82 -10.52
CA GLY A 204 4.27 4.55 -11.03
C GLY A 204 5.33 4.05 -9.93
C GLY A 204 5.39 3.75 -10.40
N LEU A 205 5.04 2.84 -9.50
CA LEU A 205 6.03 1.98 -8.94
C LEU A 205 6.71 1.39 -10.12
N ASP A 206 8.03 1.38 -10.09
CA ASP A 206 8.74 0.59 -11.03
C ASP A 206 8.98 -0.72 -10.31
N LEU A 207 8.08 -1.67 -10.53
CA LEU A 207 8.16 -2.96 -9.85
C LEU A 207 9.40 -3.75 -10.27
N SER A 208 9.94 -3.41 -11.45
CA SER A 208 11.11 -4.10 -11.98
C SER A 208 12.41 -3.63 -11.33
N ARG A 209 12.40 -2.43 -10.76
CA ARG A 209 13.61 -1.84 -10.18
C ARG A 209 13.65 -1.96 -8.65
N PHE A 210 13.05 -3.01 -8.12
CA PHE A 210 12.99 -3.19 -6.67
C PHE A 210 14.34 -3.49 -6.00
N ALA A 211 14.55 -2.88 -4.83
CA ALA A 211 15.73 -3.15 -4.01
C ALA A 211 15.34 -3.21 -2.52
N GLU A 212 16.18 -3.87 -1.73
CA GLU A 212 15.92 -4.03 -0.30
C GLU A 212 15.69 -2.72 0.45
N ASN A 213 16.41 -1.67 0.07
CA ASN A 213 16.30 -0.38 0.75
C ASN A 213 14.91 0.25 0.60
N LEU A 214 14.08 -0.32 -0.26
CA LEU A 214 12.74 0.24 -0.52
C LEU A 214 11.75 -0.08 0.59
N TYR A 215 12.20 -0.87 1.55
CA TYR A 215 11.39 -1.16 2.71
C TYR A 215 11.53 -0.13 3.82
N PHE A 216 12.41 0.85 3.61
CA PHE A 216 12.62 1.90 4.59
C PHE A 216 12.45 3.28 4.03
N GLN A 217 12.47 4.27 4.94
CA GLN A 217 12.40 5.68 4.58
C GLN A 217 13.22 6.55 5.52
C1 GOL B . -1.09 14.61 12.68
O1 GOL B . -0.79 14.04 11.42
C2 GOL B . -2.55 14.34 12.99
O2 GOL B . -3.39 15.28 12.35
C3 GOL B . -2.79 14.33 14.51
O3 GOL B . -2.66 15.60 15.10
#